data_6M8E
#
_entry.id   6M8E
#
_cell.length_a   78.152
_cell.length_b   78.152
_cell.length_c   85.562
_cell.angle_alpha   90.00
_cell.angle_beta   90.00
_cell.angle_gamma   90.00
#
_symmetry.space_group_name_H-M   'P 42 21 2'
#
loop_
_entity.id
_entity.type
_entity.pdbx_description
1 polymer 'Inositol polyphosphate multikinase,Inositol polyphosphate multikinase'
2 non-polymer 2-(3,4-dihydroxyphenyl)-3,5-dihydroxy-7-methoxy-4H-1-benzopyran-4-one
3 water water
#
_entity_poly.entity_id   1
_entity_poly.type   'polypeptide(L)'
_entity_poly.pdbx_seq_one_letter_code
;GSFTSHQVAGHMYGKDKVGILQHPDGTVLKQLQPPPRGPRELEFYNMVYAADCFDGVLLELRKYLPKYYGIWSPPTAPND
LYLKLEDVTHKFNKPCIMDVKIGQKSYDPFASSEKIQQQVSKYPLMEEIGFLVLGMRVYHVHSDSYETENQHYGRSLTKE
TIKDGVSRFFHNGYCLRKDAVAASIQKIEKILQWFENQKQLNFYASSLLFVYEGSSQGGSGGEVEVRMIDFAHVFPSNTI
DEGYVYGLKHLISVLRSILDN
;
_entity_poly.pdbx_strand_id   A
#
# COMPACT_ATOMS: atom_id res chain seq x y z
N ILE A 20 -5.17 -5.35 -13.31
CA ILE A 20 -3.79 -5.88 -13.08
C ILE A 20 -3.69 -7.30 -13.65
N LEU A 21 -3.02 -7.44 -14.80
CA LEU A 21 -2.86 -8.73 -15.47
C LEU A 21 -1.67 -9.49 -14.93
N GLN A 22 -1.90 -10.69 -14.39
CA GLN A 22 -0.83 -11.52 -13.83
C GLN A 22 -0.18 -12.40 -14.91
N HIS A 23 1.13 -12.23 -15.10
CA HIS A 23 1.91 -13.07 -16.00
C HIS A 23 2.58 -14.17 -15.16
N PRO A 24 2.57 -15.44 -15.63
CA PRO A 24 3.30 -16.57 -15.01
C PRO A 24 4.76 -16.36 -14.59
N ASP A 25 5.48 -15.47 -15.28
CA ASP A 25 6.91 -15.20 -15.00
C ASP A 25 7.18 -14.30 -13.77
N GLY A 26 6.19 -14.11 -12.91
CA GLY A 26 6.36 -13.41 -11.63
C GLY A 26 6.29 -11.89 -11.70
N THR A 27 5.82 -11.36 -12.84
CA THR A 27 5.63 -9.91 -13.00
C THR A 27 4.23 -9.59 -13.51
N VAL A 28 3.61 -8.57 -12.93
CA VAL A 28 2.26 -8.13 -13.28
C VAL A 28 2.28 -6.89 -14.17
N LEU A 29 1.19 -6.67 -14.89
CA LEU A 29 1.04 -5.52 -15.78
C LEU A 29 -0.08 -4.65 -15.24
N LYS A 30 0.28 -3.44 -14.80
CA LYS A 30 -0.68 -2.46 -14.26
C LYS A 30 -1.00 -1.40 -15.31
N GLN A 31 -2.25 -1.39 -15.78
CA GLN A 31 -2.67 -0.43 -16.79
C GLN A 31 -2.57 0.99 -16.21
N LEU A 32 -1.98 1.91 -16.97
CA LEU A 32 -1.92 3.31 -16.56
C LEU A 32 -3.33 3.83 -16.33
N GLN A 33 -3.53 4.56 -15.23
CA GLN A 33 -4.80 5.26 -15.00
C GLN A 33 -4.98 6.38 -16.04
N PRO A 34 -6.22 6.86 -16.24
CA PRO A 34 -6.39 7.98 -17.16
C PRO A 34 -5.55 9.20 -16.72
N PRO A 35 -5.24 10.10 -17.66
CA PRO A 35 -4.43 11.26 -17.29
C PRO A 35 -5.20 12.22 -16.37
N PRO A 36 -4.53 12.98 -15.51
CA PRO A 36 -3.08 12.99 -15.33
C PRO A 36 -2.48 11.87 -14.46
N ARG A 37 -3.30 10.97 -13.93
CA ARG A 37 -2.84 10.02 -12.91
C ARG A 37 -1.85 8.97 -13.41
N GLY A 38 -2.19 8.28 -14.50
CA GLY A 38 -1.29 7.29 -15.12
C GLY A 38 0.09 7.83 -15.47
N PRO A 39 0.14 8.94 -16.23
CA PRO A 39 1.41 9.60 -16.55
C PRO A 39 2.29 9.96 -15.36
N ARG A 40 1.67 10.49 -14.30
N ARG A 40 1.67 10.48 -14.29
CA ARG A 40 2.41 10.82 -13.06
CA ARG A 40 2.41 10.82 -13.06
C ARG A 40 3.00 9.59 -12.39
C ARG A 40 3.00 9.58 -12.39
N GLU A 41 2.25 8.48 -12.39
CA GLU A 41 2.75 7.21 -11.83
C GLU A 41 3.91 6.63 -12.66
N LEU A 42 3.81 6.74 -13.98
CA LEU A 42 4.92 6.37 -14.87
C LEU A 42 6.17 7.22 -14.57
N GLU A 43 6.02 8.52 -14.41
CA GLU A 43 7.20 9.36 -14.11
C GLU A 43 7.78 9.10 -12.72
N PHE A 44 6.93 8.77 -11.75
CA PHE A 44 7.43 8.36 -10.43
C PHE A 44 8.32 7.11 -10.54
N TYR A 45 7.81 6.04 -11.13
CA TYR A 45 8.62 4.83 -11.30
C TYR A 45 9.92 5.11 -12.07
N ASN A 46 9.81 5.87 -13.17
CA ASN A 46 10.98 6.26 -13.98
C ASN A 46 12.04 7.03 -13.19
N MET A 47 11.60 7.94 -12.32
N MET A 47 11.63 7.94 -12.30
CA MET A 47 12.49 8.71 -11.45
CA MET A 47 12.58 8.71 -11.49
C MET A 47 13.24 7.81 -10.46
C MET A 47 13.23 7.87 -10.39
N VAL A 48 12.48 6.95 -9.78
CA VAL A 48 13.03 6.09 -8.72
C VAL A 48 13.98 5.03 -9.29
N TYR A 49 13.58 4.41 -10.40
CA TYR A 49 14.35 3.32 -11.01
C TYR A 49 15.25 3.79 -12.15
N ALA A 50 15.50 5.11 -12.24
CA ALA A 50 16.43 5.65 -13.24
C ALA A 50 17.79 4.97 -13.08
N ALA A 51 18.27 4.36 -14.16
CA ALA A 51 19.51 3.55 -14.13
C ALA A 51 20.74 4.35 -13.69
N ASP A 52 20.76 5.65 -14.00
CA ASP A 52 21.84 6.57 -13.58
C ASP A 52 21.59 7.29 -12.23
N CYS A 53 20.58 6.84 -11.46
CA CYS A 53 20.28 7.46 -10.16
C CYS A 53 21.26 7.00 -9.09
N PHE A 54 21.90 7.95 -8.41
CA PHE A 54 22.69 7.66 -7.22
C PHE A 54 22.23 8.48 -5.99
N ASP A 55 20.98 8.95 -6.03
CA ASP A 55 20.34 9.55 -4.86
C ASP A 55 20.08 8.44 -3.84
N GLY A 56 20.74 8.50 -2.69
CA GLY A 56 20.62 7.49 -1.62
C GLY A 56 19.22 7.30 -1.09
N VAL A 57 18.44 8.38 -1.04
CA VAL A 57 17.03 8.32 -0.61
C VAL A 57 16.21 7.47 -1.59
N LEU A 58 16.43 7.66 -2.89
CA LEU A 58 15.69 6.92 -3.92
C LEU A 58 16.17 5.47 -4.07
N LEU A 59 17.49 5.25 -3.96
CA LEU A 59 18.04 3.89 -3.98
C LEU A 59 17.50 3.06 -2.81
N GLU A 60 17.40 3.66 -1.63
N GLU A 60 17.41 3.67 -1.63
CA GLU A 60 16.79 2.98 -0.47
CA GLU A 60 16.81 3.06 -0.45
C GLU A 60 15.28 2.75 -0.64
C GLU A 60 15.30 2.78 -0.63
N LEU A 61 14.59 3.71 -1.25
CA LEU A 61 13.16 3.56 -1.53
C LEU A 61 12.82 2.32 -2.39
N ARG A 62 13.70 1.98 -3.34
CA ARG A 62 13.52 0.78 -4.19
C ARG A 62 13.28 -0.51 -3.42
N LYS A 63 13.88 -0.61 -2.22
CA LYS A 63 13.71 -1.79 -1.35
C LYS A 63 12.24 -2.04 -0.98
N TYR A 64 11.45 -0.97 -0.91
CA TYR A 64 10.06 -1.02 -0.43
C TYR A 64 8.97 -1.00 -1.51
N LEU A 65 9.37 -0.85 -2.78
N LEU A 65 9.36 -0.82 -2.78
CA LEU A 65 8.46 -0.84 -3.92
CA LEU A 65 8.40 -0.83 -3.89
C LEU A 65 8.52 -2.18 -4.64
C LEU A 65 8.48 -2.19 -4.60
N PRO A 66 7.48 -2.51 -5.42
CA PRO A 66 7.63 -3.66 -6.34
C PRO A 66 8.73 -3.33 -7.34
N LYS A 67 9.56 -4.32 -7.69
CA LYS A 67 10.57 -4.10 -8.71
C LYS A 67 9.86 -3.65 -9.98
N TYR A 68 10.47 -2.70 -10.69
CA TYR A 68 9.90 -2.07 -11.87
C TYR A 68 10.74 -2.47 -13.08
N TYR A 69 10.07 -2.94 -14.13
CA TYR A 69 10.73 -3.43 -15.34
C TYR A 69 10.52 -2.51 -16.54
N GLY A 70 9.97 -1.32 -16.32
CA GLY A 70 9.78 -0.35 -17.39
C GLY A 70 8.36 -0.31 -17.92
N ILE A 71 8.10 0.67 -18.78
CA ILE A 71 6.83 0.76 -19.47
C ILE A 71 6.65 -0.45 -20.40
N TRP A 72 5.41 -0.88 -20.56
CA TRP A 72 5.07 -1.98 -21.47
C TRP A 72 3.76 -1.67 -22.20
N SER A 73 3.65 -2.15 -23.44
N SER A 73 3.64 -2.16 -23.44
CA SER A 73 2.41 -2.12 -24.21
CA SER A 73 2.40 -2.09 -24.19
C SER A 73 2.34 -3.41 -25.02
C SER A 73 2.34 -3.31 -25.13
N PRO A 74 1.13 -3.81 -25.44
CA PRO A 74 1.04 -4.95 -26.37
C PRO A 74 1.72 -4.66 -27.72
N PRO A 75 2.38 -5.66 -28.33
CA PRO A 75 3.07 -5.46 -29.62
C PRO A 75 2.22 -4.76 -30.71
N THR A 76 0.93 -5.07 -30.76
CA THR A 76 0.02 -4.51 -31.77
C THR A 76 -0.78 -3.29 -31.29
N ALA A 77 -0.40 -2.69 -30.16
CA ALA A 77 -1.21 -1.62 -29.54
C ALA A 77 -0.37 -0.64 -28.68
N PRO A 78 0.50 0.17 -29.31
CA PRO A 78 1.34 1.13 -28.56
C PRO A 78 0.58 2.20 -27.78
N ASN A 79 -0.69 2.42 -28.12
CA ASN A 79 -1.60 3.27 -27.31
C ASN A 79 -1.83 2.79 -25.88
N ASP A 80 -1.87 1.46 -25.68
CA ASP A 80 -2.33 0.87 -24.41
C ASP A 80 -1.16 0.66 -23.43
N LEU A 81 -1.03 1.57 -22.45
CA LEU A 81 0.17 1.68 -21.63
C LEU A 81 0.05 0.94 -20.28
N TYR A 82 1.09 0.18 -19.94
CA TYR A 82 1.17 -0.54 -18.66
C TYR A 82 2.51 -0.34 -17.99
N LEU A 83 2.51 -0.52 -16.68
CA LEU A 83 3.74 -0.62 -15.92
C LEU A 83 3.95 -2.11 -15.69
N LYS A 84 5.15 -2.59 -16.00
CA LYS A 84 5.55 -3.97 -15.75
C LYS A 84 6.21 -4.00 -14.38
N LEU A 85 5.60 -4.70 -13.43
CA LEU A 85 6.00 -4.69 -12.02
C LEU A 85 6.11 -6.10 -11.44
N GLU A 86 6.97 -6.25 -10.44
CA GLU A 86 7.04 -7.47 -9.63
C GLU A 86 5.68 -7.89 -9.08
N ASP A 87 5.37 -9.18 -9.19
CA ASP A 87 4.21 -9.74 -8.50
C ASP A 87 4.65 -10.11 -7.08
N VAL A 88 4.23 -9.32 -6.10
CA VAL A 88 4.68 -9.48 -4.72
C VAL A 88 4.08 -10.72 -4.03
N THR A 89 3.04 -11.32 -4.62
CA THR A 89 2.44 -12.55 -4.12
C THR A 89 3.05 -13.84 -4.71
N HIS A 90 3.99 -13.70 -5.65
CA HIS A 90 4.50 -14.83 -6.43
C HIS A 90 5.12 -15.95 -5.59
N LYS A 91 5.88 -15.58 -4.56
CA LYS A 91 6.53 -16.57 -3.68
C LYS A 91 5.58 -17.28 -2.67
N PHE A 92 4.29 -16.93 -2.67
CA PHE A 92 3.33 -17.52 -1.72
C PHE A 92 2.48 -18.63 -2.37
N ASN A 93 2.10 -19.62 -1.57
N ASN A 93 2.10 -19.62 -1.56
CA ASN A 93 1.21 -20.70 -2.00
CA ASN A 93 1.21 -20.70 -2.00
C ASN A 93 -0.25 -20.30 -1.89
C ASN A 93 -0.25 -20.27 -1.90
N LYS A 94 -0.64 -19.81 -0.71
CA LYS A 94 -2.00 -19.29 -0.45
C LYS A 94 -1.88 -17.86 0.08
N PRO A 95 -1.58 -16.89 -0.81
CA PRO A 95 -1.35 -15.52 -0.32
C PRO A 95 -2.59 -14.88 0.29
N CYS A 96 -2.43 -14.32 1.49
CA CYS A 96 -3.44 -13.48 2.11
C CYS A 96 -3.01 -12.05 1.87
N ILE A 97 -3.89 -11.25 1.25
CA ILE A 97 -3.52 -9.95 0.71
C ILE A 97 -4.42 -8.87 1.31
N MET A 98 -3.80 -7.78 1.79
CA MET A 98 -4.53 -6.60 2.26
C MET A 98 -3.89 -5.35 1.69
N ASP A 99 -4.73 -4.46 1.18
CA ASP A 99 -4.35 -3.20 0.61
C ASP A 99 -4.81 -2.12 1.60
N VAL A 100 -3.87 -1.28 2.08
CA VAL A 100 -4.20 -0.21 3.04
C VAL A 100 -3.70 1.15 2.56
N LYS A 101 -4.63 2.08 2.31
CA LYS A 101 -4.26 3.44 1.94
C LYS A 101 -3.73 4.19 3.16
N ILE A 102 -2.67 4.97 2.98
CA ILE A 102 -1.96 5.63 4.09
C ILE A 102 -2.00 7.14 3.91
N GLY A 103 -2.21 7.85 5.02
CA GLY A 103 -2.13 9.30 5.06
C GLY A 103 -3.38 9.92 5.66
N GLN A 104 -3.28 11.20 5.99
CA GLN A 104 -4.41 11.97 6.53
C GLN A 104 -5.29 12.59 5.45
N LYS A 105 -4.69 12.85 4.29
CA LYS A 105 -5.39 13.41 3.14
C LYS A 105 -5.24 12.46 1.95
N SER A 106 -6.37 12.08 1.36
N SER A 106 -6.38 12.07 1.37
CA SER A 106 -6.40 11.25 0.15
CA SER A 106 -6.42 11.25 0.16
C SER A 106 -6.51 12.07 -1.13
C SER A 106 -6.55 12.08 -1.13
N TYR A 107 -6.35 13.39 -1.03
CA TYR A 107 -6.38 14.31 -2.18
C TYR A 107 -5.01 14.99 -2.27
N ASP A 108 -4.63 15.42 -3.47
CA ASP A 108 -3.32 16.04 -3.66
C ASP A 108 -3.36 17.56 -3.48
N PRO A 109 -2.18 18.23 -3.35
CA PRO A 109 -2.18 19.67 -3.10
C PRO A 109 -2.80 20.55 -4.20
N PHE A 110 -3.07 19.99 -5.38
CA PHE A 110 -3.61 20.75 -6.51
C PHE A 110 -5.02 20.33 -6.93
N ALA A 111 -5.76 19.70 -6.03
CA ALA A 111 -7.14 19.32 -6.31
C ALA A 111 -8.07 20.52 -6.16
N SER A 112 -9.13 20.53 -6.96
CA SER A 112 -10.20 21.54 -6.84
C SER A 112 -11.02 21.29 -5.57
N SER A 113 -11.76 22.31 -5.13
CA SER A 113 -12.63 22.20 -3.94
C SER A 113 -13.61 21.04 -4.05
N GLU A 114 -14.16 20.83 -5.24
CA GLU A 114 -15.12 19.75 -5.52
C GLU A 114 -14.48 18.37 -5.32
N LYS A 115 -13.29 18.19 -5.88
CA LYS A 115 -12.53 16.94 -5.74
C LYS A 115 -12.08 16.68 -4.31
N ILE A 116 -11.63 17.72 -3.60
CA ILE A 116 -11.26 17.59 -2.19
C ILE A 116 -12.47 17.10 -1.38
N GLN A 117 -13.61 17.70 -1.63
CA GLN A 117 -14.87 17.31 -1.01
C GLN A 117 -15.27 15.88 -1.36
N GLN A 118 -15.16 15.52 -2.64
CA GLN A 118 -15.43 14.15 -3.08
C GLN A 118 -14.50 13.16 -2.38
N GLN A 119 -13.21 13.49 -2.32
CA GLN A 119 -12.23 12.60 -1.67
C GLN A 119 -12.38 12.48 -0.16
N VAL A 120 -12.71 13.59 0.52
CA VAL A 120 -12.96 13.52 1.96
C VAL A 120 -14.28 12.77 2.23
N SER A 121 -15.30 12.97 1.40
CA SER A 121 -16.58 12.24 1.57
C SER A 121 -16.45 10.72 1.38
N LYS A 122 -15.53 10.28 0.53
CA LYS A 122 -15.26 8.84 0.35
C LYS A 122 -14.93 8.16 1.69
N TYR A 123 -14.18 8.85 2.55
CA TYR A 123 -13.90 8.37 3.91
C TYR A 123 -13.54 9.56 4.80
N PRO A 124 -14.54 10.14 5.51
CA PRO A 124 -14.28 11.36 6.29
C PRO A 124 -13.42 11.19 7.56
N LEU A 125 -13.14 9.96 7.94
CA LEU A 125 -12.24 9.65 9.07
C LEU A 125 -10.74 9.56 8.73
N MET A 126 -10.35 9.86 7.48
N MET A 126 -10.36 9.87 7.49
CA MET A 126 -8.97 9.74 7.03
CA MET A 126 -8.98 9.74 7.03
C MET A 126 -7.99 10.60 7.85
C MET A 126 -8.00 10.60 7.85
N GLU A 127 -8.40 11.83 8.18
CA GLU A 127 -7.57 12.74 8.98
C GLU A 127 -7.35 12.20 10.40
N GLU A 128 -8.42 11.65 10.98
CA GLU A 128 -8.41 11.13 12.35
C GLU A 128 -7.64 9.82 12.48
N ILE A 129 -7.86 8.90 11.54
CA ILE A 129 -7.23 7.57 11.63
C ILE A 129 -5.88 7.49 10.89
N GLY A 130 -5.78 8.17 9.73
CA GLY A 130 -4.53 8.20 8.99
C GLY A 130 -4.30 7.00 8.08
N PHE A 131 -5.28 6.10 7.99
CA PHE A 131 -5.23 4.98 7.06
C PHE A 131 -6.62 4.42 6.78
N LEU A 132 -6.73 3.66 5.69
CA LEU A 132 -7.99 3.10 5.24
C LEU A 132 -7.77 1.76 4.57
N VAL A 133 -8.44 0.72 5.05
CA VAL A 133 -8.35 -0.61 4.45
C VAL A 133 -9.16 -0.60 3.15
N LEU A 134 -8.48 -0.82 2.03
CA LEU A 134 -9.13 -0.80 0.71
C LEU A 134 -9.77 -2.14 0.37
N GLY A 135 -9.16 -3.22 0.83
CA GLY A 135 -9.72 -4.55 0.64
C GLY A 135 -8.84 -5.61 1.29
N MET A 136 -9.36 -6.82 1.41
CA MET A 136 -8.56 -7.94 1.87
C MET A 136 -9.07 -9.26 1.33
N ARG A 137 -8.14 -10.20 1.19
CA ARG A 137 -8.42 -11.56 0.75
C ARG A 137 -7.68 -12.45 1.74
N VAL A 138 -8.42 -13.24 2.52
CA VAL A 138 -7.89 -14.02 3.64
C VAL A 138 -8.21 -15.49 3.44
N TYR A 139 -7.18 -16.34 3.46
CA TYR A 139 -7.34 -17.79 3.34
C TYR A 139 -7.78 -18.38 4.67
N HIS A 140 -8.85 -19.17 4.63
CA HIS A 140 -9.36 -19.88 5.81
C HIS A 140 -8.97 -21.36 5.72
N VAL A 141 -8.24 -21.83 6.73
CA VAL A 141 -7.60 -23.16 6.70
C VAL A 141 -8.63 -24.30 6.72
N HIS A 142 -9.63 -24.19 7.60
CA HIS A 142 -10.63 -25.25 7.78
C HIS A 142 -11.50 -25.52 6.54
N SER A 143 -11.76 -24.50 5.75
CA SER A 143 -12.59 -24.62 4.55
C SER A 143 -11.80 -24.69 3.24
N ASP A 144 -10.48 -24.47 3.29
CA ASP A 144 -9.62 -24.38 2.09
C ASP A 144 -10.22 -23.38 1.08
N SER A 145 -10.43 -22.16 1.54
CA SER A 145 -11.09 -21.14 0.73
C SER A 145 -10.78 -19.72 1.21
N TYR A 146 -11.14 -18.75 0.40
CA TYR A 146 -10.88 -17.33 0.67
C TYR A 146 -12.16 -16.59 1.07
N GLU A 147 -12.02 -15.64 2.00
CA GLU A 147 -13.06 -14.65 2.27
C GLU A 147 -12.51 -13.26 1.93
N THR A 148 -13.31 -12.49 1.21
CA THR A 148 -12.87 -11.21 0.64
C THR A 148 -13.70 -10.06 1.19
N GLU A 149 -13.05 -8.93 1.41
CA GLU A 149 -13.73 -7.69 1.79
C GLU A 149 -13.42 -6.62 0.75
N ASN A 150 -14.46 -5.95 0.27
CA ASN A 150 -14.32 -4.87 -0.72
C ASN A 150 -14.05 -3.52 -0.03
N GLN A 151 -14.10 -2.43 -0.80
CA GLN A 151 -13.84 -1.07 -0.29
C GLN A 151 -14.79 -0.60 0.82
N HIS A 152 -16.02 -1.10 0.83
CA HIS A 152 -17.02 -0.68 1.82
C HIS A 152 -16.76 -1.24 3.23
N TYR A 153 -15.98 -2.31 3.33
CA TYR A 153 -15.55 -2.85 4.64
C TYR A 153 -14.72 -1.82 5.41
N GLY A 154 -13.61 -1.39 4.81
CA GLY A 154 -12.71 -0.42 5.46
C GLY A 154 -13.31 0.96 5.65
N ARG A 155 -14.12 1.41 4.68
CA ARG A 155 -14.83 2.70 4.81
C ARG A 155 -15.89 2.73 5.94
N SER A 156 -16.34 1.56 6.39
N SER A 156 -16.35 1.56 6.39
CA SER A 156 -17.26 1.44 7.53
CA SER A 156 -17.27 1.45 7.52
C SER A 156 -16.59 1.50 8.90
C SER A 156 -16.60 1.47 8.90
N LEU A 157 -15.27 1.34 8.96
CA LEU A 157 -14.54 1.25 10.24
C LEU A 157 -14.36 2.63 10.88
N THR A 158 -14.50 2.67 12.20
CA THR A 158 -14.36 3.89 13.02
C THR A 158 -13.24 3.66 14.03
N LYS A 159 -12.93 4.68 14.84
CA LYS A 159 -11.95 4.50 15.92
C LYS A 159 -12.31 3.36 16.87
N GLU A 160 -13.62 3.15 17.08
CA GLU A 160 -14.13 2.08 17.93
C GLU A 160 -13.91 0.68 17.36
N THR A 161 -13.86 0.56 16.03
CA THR A 161 -13.77 -0.74 15.35
C THR A 161 -12.57 -1.00 14.40
N ILE A 162 -11.61 -0.07 14.35
N ILE A 162 -11.61 -0.07 14.30
CA ILE A 162 -10.45 -0.22 13.46
CA ILE A 162 -10.45 -0.28 13.42
C ILE A 162 -9.53 -1.39 13.85
C ILE A 162 -9.56 -1.45 13.85
N LYS A 163 -9.36 -1.61 15.17
CA LYS A 163 -8.50 -2.69 15.68
C LYS A 163 -9.03 -4.07 15.28
N ASP A 164 -10.30 -4.32 15.58
CA ASP A 164 -10.98 -5.55 15.14
C ASP A 164 -11.09 -5.67 13.62
N GLY A 165 -11.25 -4.53 12.95
CA GLY A 165 -11.27 -4.47 11.50
C GLY A 165 -9.98 -4.95 10.87
N VAL A 166 -8.86 -4.45 11.39
CA VAL A 166 -7.53 -4.85 10.95
C VAL A 166 -7.21 -6.31 11.33
N SER A 167 -7.57 -6.72 12.54
N SER A 167 -7.56 -6.69 12.56
CA SER A 167 -7.29 -8.07 13.03
CA SER A 167 -7.38 -8.06 13.08
C SER A 167 -7.93 -9.20 12.21
C SER A 167 -7.89 -9.16 12.15
N ARG A 168 -9.05 -8.91 11.53
CA ARG A 168 -9.72 -9.89 10.65
C ARG A 168 -8.78 -10.41 9.54
N PHE A 169 -7.92 -9.53 9.03
CA PHE A 169 -6.94 -9.92 8.00
C PHE A 169 -6.04 -11.06 8.48
N PHE A 170 -5.68 -11.02 9.76
CA PHE A 170 -4.75 -11.97 10.36
C PHE A 170 -5.40 -13.19 11.05
N HIS A 171 -6.71 -13.37 10.91
CA HIS A 171 -7.40 -14.51 11.52
C HIS A 171 -7.76 -15.52 10.43
N ASN A 172 -7.23 -16.73 10.55
CA ASN A 172 -7.36 -17.75 9.50
C ASN A 172 -8.55 -18.70 9.69
N GLY A 173 -9.49 -18.33 10.54
CA GLY A 173 -10.63 -19.19 10.87
C GLY A 173 -10.46 -20.00 12.14
N TYR A 174 -9.22 -20.30 12.55
CA TYR A 174 -8.96 -20.98 13.82
C TYR A 174 -7.97 -20.31 14.79
N CYS A 175 -7.14 -19.39 14.31
CA CYS A 175 -6.25 -18.63 15.20
C CYS A 175 -5.86 -17.29 14.60
N LEU A 176 -5.48 -16.36 15.47
CA LEU A 176 -4.90 -15.08 15.09
C LEU A 176 -3.42 -15.30 14.77
N ARG A 177 -3.00 -14.92 13.57
CA ARG A 177 -1.62 -15.09 13.12
C ARG A 177 -0.75 -13.95 13.64
N LYS A 178 -0.42 -14.02 14.93
CA LYS A 178 0.41 -12.99 15.58
C LYS A 178 1.83 -12.92 15.02
N ASP A 179 2.32 -14.02 14.44
CA ASP A 179 3.59 -14.02 13.72
C ASP A 179 3.56 -13.06 12.54
N ALA A 180 2.48 -13.09 11.76
CA ALA A 180 2.33 -12.19 10.61
C ALA A 180 2.11 -10.73 11.07
N VAL A 181 1.41 -10.55 12.19
CA VAL A 181 1.20 -9.20 12.78
C VAL A 181 2.55 -8.61 13.22
N ALA A 182 3.36 -9.38 13.95
CA ALA A 182 4.66 -8.90 14.42
C ALA A 182 5.64 -8.59 13.27
N ALA A 183 5.69 -9.49 12.29
CA ALA A 183 6.50 -9.30 11.08
C ALA A 183 6.08 -8.01 10.33
N SER A 184 4.78 -7.80 10.18
CA SER A 184 4.23 -6.59 9.55
C SER A 184 4.67 -5.31 10.26
N ILE A 185 4.67 -5.32 11.59
CA ILE A 185 5.18 -4.18 12.37
C ILE A 185 6.65 -3.91 12.04
N GLN A 186 7.45 -4.98 12.02
CA GLN A 186 8.88 -4.87 11.75
C GLN A 186 9.18 -4.35 10.35
N LYS A 187 8.39 -4.78 9.37
CA LYS A 187 8.54 -4.30 7.99
C LYS A 187 8.06 -2.87 7.79
N ILE A 188 6.93 -2.52 8.40
CA ILE A 188 6.43 -1.12 8.39
C ILE A 188 7.44 -0.18 9.03
N GLU A 189 8.11 -0.62 10.10
CA GLU A 189 9.10 0.21 10.78
C GLU A 189 10.26 0.68 9.88
N LYS A 190 10.71 -0.20 8.96
CA LYS A 190 11.76 0.17 8.01
C LYS A 190 11.23 1.23 7.04
N ILE A 191 9.99 1.08 6.62
CA ILE A 191 9.32 2.08 5.74
C ILE A 191 9.19 3.41 6.49
N LEU A 192 8.75 3.36 7.75
N LEU A 192 8.75 3.36 7.74
CA LEU A 192 8.64 4.56 8.59
CA LEU A 192 8.63 4.54 8.60
C LEU A 192 9.98 5.27 8.74
C LEU A 192 9.97 5.26 8.79
N GLN A 193 11.05 4.50 8.97
CA GLN A 193 12.40 5.06 9.06
C GLN A 193 12.83 5.76 7.76
N TRP A 194 12.48 5.18 6.61
CA TRP A 194 12.71 5.85 5.34
C TRP A 194 12.01 7.22 5.28
N PHE A 195 10.73 7.26 5.65
CA PHE A 195 9.95 8.50 5.70
C PHE A 195 10.47 9.53 6.72
N GLU A 196 11.03 9.04 7.81
CA GLU A 196 11.65 9.93 8.79
C GLU A 196 13.01 10.50 8.36
N ASN A 197 13.59 9.95 7.29
CA ASN A 197 14.88 10.34 6.78
C ASN A 197 14.82 10.91 5.34
N GLN A 198 13.65 11.38 4.90
CA GLN A 198 13.51 12.02 3.59
C GLN A 198 12.55 13.20 3.63
N LYS A 199 12.90 14.25 2.89
CA LYS A 199 12.15 15.51 2.85
C LYS A 199 11.82 15.94 1.42
N GLN A 200 11.86 15.00 0.47
CA GLN A 200 11.80 15.32 -0.95
C GLN A 200 10.58 14.80 -1.72
N LEU A 201 9.81 13.90 -1.11
CA LEU A 201 8.55 13.38 -1.69
C LEU A 201 7.44 13.34 -0.65
N ASN A 202 6.24 13.78 -1.06
CA ASN A 202 5.02 13.58 -0.28
C ASN A 202 4.06 12.71 -1.09
N PHE A 203 3.39 11.77 -0.40
CA PHE A 203 2.63 10.71 -1.05
C PHE A 203 1.17 10.81 -0.64
N TYR A 204 0.28 11.03 -1.62
CA TYR A 204 -1.17 11.11 -1.36
C TYR A 204 -1.86 9.95 -2.06
N ALA A 205 -2.88 9.39 -1.39
CA ALA A 205 -3.64 8.23 -1.91
C ALA A 205 -2.77 7.04 -2.37
N SER A 206 -1.63 6.83 -1.71
N SER A 206 -1.65 6.84 -1.68
CA SER A 206 -0.80 5.66 -1.96
CA SER A 206 -0.75 5.71 -1.89
C SER A 206 -1.05 4.68 -0.83
C SER A 206 -1.07 4.67 -0.83
N SER A 207 -0.62 3.43 -1.06
CA SER A 207 -0.97 2.31 -0.20
C SER A 207 0.20 1.42 0.19
N LEU A 208 -0.07 0.59 1.19
CA LEU A 208 0.79 -0.52 1.55
C LEU A 208 0.03 -1.81 1.20
N LEU A 209 0.72 -2.71 0.51
CA LEU A 209 0.20 -4.03 0.20
C LEU A 209 0.83 -5.00 1.19
N PHE A 210 -0.01 -5.67 1.98
CA PHE A 210 0.42 -6.69 2.94
C PHE A 210 0.16 -8.06 2.37
N VAL A 211 1.15 -8.94 2.45
CA VAL A 211 0.95 -10.33 2.03
C VAL A 211 1.57 -11.23 3.07
N TYR A 212 0.85 -12.27 3.48
CA TYR A 212 1.42 -13.36 4.27
C TYR A 212 0.93 -14.71 3.77
N GLU A 213 1.58 -15.77 4.24
CA GLU A 213 1.31 -17.13 3.80
C GLU A 213 0.14 -17.72 4.58
N GLY A 214 -0.97 -18.01 3.91
CA GLY A 214 -2.12 -18.62 4.56
C GLY A 214 -2.01 -20.11 4.89
N SER A 215 -1.26 -20.87 4.07
CA SER A 215 -1.17 -22.32 4.25
C SER A 215 -0.24 -22.71 5.41
N SER A 220 4.93 -18.83 10.38
CA SER A 220 6.27 -18.77 9.82
C SER A 220 6.95 -17.39 9.98
N GLY A 221 6.18 -16.32 10.20
CA GLY A 221 6.75 -14.97 10.37
C GLY A 221 7.28 -14.18 9.18
N GLY A 222 7.12 -14.60 7.93
CA GLY A 222 6.69 -15.94 7.55
C GLY A 222 6.60 -16.13 6.07
N GLU A 223 7.48 -15.44 5.38
CA GLU A 223 7.08 -14.71 4.21
C GLU A 223 5.96 -13.79 4.77
N VAL A 224 6.35 -12.57 5.11
CA VAL A 224 5.44 -11.43 5.09
C VAL A 224 6.08 -10.46 4.11
N GLU A 225 5.27 -9.91 3.22
CA GLU A 225 5.71 -8.81 2.35
C GLU A 225 4.90 -7.58 2.70
N VAL A 226 5.58 -6.46 2.86
CA VAL A 226 4.92 -5.15 2.94
C VAL A 226 5.58 -4.25 1.90
N ARG A 227 4.79 -3.80 0.93
CA ARG A 227 5.31 -2.95 -0.14
C ARG A 227 4.42 -1.75 -0.36
N MET A 228 5.05 -0.63 -0.69
CA MET A 228 4.38 0.59 -1.08
C MET A 228 3.93 0.44 -2.53
N ILE A 229 2.68 0.82 -2.81
CA ILE A 229 2.12 0.82 -4.16
C ILE A 229 1.24 2.07 -4.38
N ASP A 230 0.90 2.33 -5.65
CA ASP A 230 -0.08 3.37 -6.07
C ASP A 230 0.49 4.79 -5.99
N PHE A 231 1.14 5.22 -7.08
CA PHE A 231 1.94 6.45 -7.04
C PHE A 231 1.48 7.53 -8.03
N ALA A 232 0.18 7.60 -8.29
CA ALA A 232 -0.39 8.63 -9.18
C ALA A 232 -0.49 10.01 -8.53
N HIS A 233 -0.25 10.12 -7.22
CA HIS A 233 -0.30 11.41 -6.51
C HIS A 233 0.90 11.61 -5.56
N VAL A 234 2.10 11.39 -6.09
CA VAL A 234 3.33 11.63 -5.38
C VAL A 234 3.93 12.91 -5.93
N PHE A 235 4.28 13.83 -5.03
CA PHE A 235 4.72 15.16 -5.42
C PHE A 235 6.06 15.53 -4.77
N PRO A 236 6.86 16.38 -5.46
CA PRO A 236 8.04 16.94 -4.81
C PRO A 236 7.66 17.80 -3.60
N SER A 237 8.51 17.81 -2.58
N SER A 237 8.53 17.81 -2.59
CA SER A 237 8.25 18.57 -1.36
CA SER A 237 8.25 18.55 -1.35
C SER A 237 9.55 19.06 -0.75
C SER A 237 9.55 19.07 -0.75
N ASN A 238 9.41 19.96 0.23
CA ASN A 238 10.52 20.49 1.02
C ASN A 238 10.46 20.00 2.47
N THR A 239 9.43 19.21 2.80
CA THR A 239 9.13 18.83 4.17
C THR A 239 8.89 17.33 4.33
N ILE A 240 8.91 16.90 5.58
CA ILE A 240 8.49 15.56 5.98
C ILE A 240 7.04 15.35 5.55
N ASP A 241 6.74 14.14 5.07
CA ASP A 241 5.37 13.75 4.79
C ASP A 241 4.69 13.40 6.12
N GLU A 242 4.14 14.43 6.77
CA GLU A 242 3.61 14.30 8.13
C GLU A 242 2.37 13.43 8.20
N GLY A 243 1.50 13.53 7.19
CA GLY A 243 0.31 12.71 7.11
C GLY A 243 0.63 11.24 6.97
N TYR A 244 1.61 10.92 6.14
CA TYR A 244 2.01 9.52 5.91
C TYR A 244 2.64 8.94 7.19
N VAL A 245 3.48 9.72 7.86
CA VAL A 245 4.13 9.32 9.12
C VAL A 245 3.07 9.02 10.18
N TYR A 246 2.13 9.94 10.36
N TYR A 246 2.12 9.93 10.36
CA TYR A 246 0.97 9.79 11.26
CA TYR A 246 1.00 9.74 11.29
C TYR A 246 0.20 8.49 11.02
C TYR A 246 0.24 8.45 11.02
N GLY A 247 -0.09 8.22 9.75
CA GLY A 247 -0.77 6.98 9.34
C GLY A 247 -0.02 5.70 9.65
N LEU A 248 1.27 5.68 9.31
CA LEU A 248 2.14 4.54 9.62
C LEU A 248 2.25 4.29 11.12
N LYS A 249 2.45 5.37 11.88
CA LYS A 249 2.54 5.30 13.35
C LYS A 249 1.27 4.75 13.96
N HIS A 250 0.12 5.25 13.50
CA HIS A 250 -1.16 4.77 14.00
C HIS A 250 -1.40 3.31 13.60
N LEU A 251 -1.06 2.96 12.36
CA LEU A 251 -1.18 1.56 11.90
C LEU A 251 -0.31 0.62 12.75
N ILE A 252 0.93 1.03 13.03
CA ILE A 252 1.83 0.27 13.93
C ILE A 252 1.24 0.10 15.33
N SER A 253 0.66 1.17 15.88
N SER A 253 0.65 1.16 15.87
CA SER A 253 0.02 1.12 17.19
CA SER A 253 0.03 1.11 17.19
C SER A 253 -1.17 0.16 17.25
C SER A 253 -1.17 0.16 17.25
N VAL A 254 -1.97 0.15 16.18
CA VAL A 254 -3.12 -0.77 16.07
C VAL A 254 -2.63 -2.23 16.00
N LEU A 255 -1.69 -2.51 15.10
CA LEU A 255 -1.08 -3.84 14.99
C LEU A 255 -0.43 -4.29 16.32
N ARG A 256 0.26 -3.36 17.00
CA ARG A 256 0.84 -3.65 18.31
C ARG A 256 -0.20 -4.09 19.35
N SER A 257 -1.33 -3.40 19.41
N SER A 257 -1.33 -3.40 19.38
CA SER A 257 -2.42 -3.77 20.31
CA SER A 257 -2.43 -3.75 20.28
C SER A 257 -3.00 -5.15 19.96
C SER A 257 -3.02 -5.12 19.96
N ILE A 258 -3.03 -5.51 18.69
CA ILE A 258 -3.48 -6.84 18.26
C ILE A 258 -2.61 -7.98 18.82
N LEU A 259 -1.33 -7.71 19.07
CA LEU A 259 -0.44 -8.69 19.71
C LEU A 259 -0.84 -9.06 21.16
N ASP A 260 -1.62 -8.19 21.82
CA ASP A 260 -2.19 -8.48 23.16
C ASP A 260 -3.52 -9.23 23.16
N ASN A 261 -4.07 -9.57 22.00
CA ASN A 261 -5.37 -10.27 21.93
C ASN A 261 -5.34 -11.65 22.59
#